data_2VVC
#
_entry.id   2VVC
#
_cell.length_a   48.960
_cell.length_b   77.190
_cell.length_c   74.760
_cell.angle_alpha   90.00
_cell.angle_beta   92.12
_cell.angle_gamma   90.00
#
_symmetry.space_group_name_H-M   'P 1 21 1'
#
loop_
_entity.id
_entity.type
_entity.pdbx_description
1 polymer 'ACTIVATED FACTOR XA HEAVY CHAIN'
2 polymer 'FACTOR X LIGHT CHAIN'
3 non-polymer 5-chloro-N-[(3S,4S)-1-(2-{[2-fluoro-4-(2-oxopyridin-1(2H)-yl)phenyl]amino}-2-oxoethyl)-4-methoxypyrrolidin-3-yl]thiophene-2-carboxamide
4 non-polymer 'CALCIUM ION'
5 non-polymer 'SODIUM ION'
6 water water
#
loop_
_entity_poly.entity_id
_entity_poly.type
_entity_poly.pdbx_seq_one_letter_code
_entity_poly.pdbx_strand_id
1 'polypeptide(L)'
;IVGGQECKDGECPWQALLINEENEGFCGGTILSEFYILTAAHCLYQAKRFKVRVGDRNTEQEEGGEAVHEVEVVIKHNRF
TKETYDFDIAVLRLKTPITFRMNVAPACLPERDWAESTLMTQKTGIVSGFGRTHEKGEQSTRLKMLEVPYVDRNSCKLSS
SFIITQNMFCAGYDTKQEDACQGDSGGPHVTRFKDTYFVTGIVSWGEGCARKGKYGIYTKVTAFLKWIDRSMKTRGLPKA
K
;
A,B
2 'polypeptide(L)' RKLCSLDNGDCDQFCHEEQNSVVCSCARGYTLADNGKACIPTGPYPCGKQTLERR K,L
#
# COMPACT_ATOMS: atom_id res chain seq x y z
N ILE A 1 12.07 7.92 0.57
CA ILE A 1 13.51 8.12 0.23
C ILE A 1 14.43 7.22 1.09
N VAL A 2 15.16 6.33 0.42
CA VAL A 2 16.15 5.47 1.04
C VAL A 2 17.52 6.15 0.93
N GLY A 3 18.31 6.17 2.01
CA GLY A 3 19.53 7.01 2.06
C GLY A 3 19.16 8.49 2.11
N GLY A 4 20.04 9.36 1.62
CA GLY A 4 19.72 10.78 1.59
C GLY A 4 19.62 11.30 3.01
N GLN A 5 19.01 12.48 3.16
CA GLN A 5 19.04 13.22 4.41
C GLN A 5 17.69 13.91 4.60
N GLU A 6 17.33 14.30 5.81
CA GLU A 6 16.14 15.13 5.98
C GLU A 6 16.40 16.50 5.34
N CYS A 7 15.40 17.10 4.70
CA CYS A 7 15.60 18.49 4.21
C CYS A 7 15.76 19.43 5.35
N LYS A 8 16.79 20.26 5.34
CA LYS A 8 16.83 21.36 6.27
C LYS A 8 15.69 22.34 5.95
N ASP A 9 15.35 23.13 6.95
CA ASP A 9 14.33 24.16 6.87
C ASP A 9 14.48 25.01 5.59
N GLY A 10 13.38 25.12 4.86
CA GLY A 10 13.33 25.88 3.60
C GLY A 10 14.04 25.29 2.37
N GLU A 11 14.58 24.08 2.53
N GLU A 11 14.59 24.09 2.48
CA GLU A 11 15.40 23.45 1.51
CA GLU A 11 15.39 23.56 1.39
C GLU A 11 14.53 22.84 0.40
C GLU A 11 14.60 22.64 0.45
N CYS A 12 13.34 22.39 0.76
CA CYS A 12 12.48 21.64 -0.16
C CYS A 12 11.06 22.18 -0.08
N PRO A 13 10.88 23.47 -0.39
CA PRO A 13 9.58 24.14 -0.14
C PRO A 13 8.47 23.81 -1.15
N TRP A 14 8.84 23.21 -2.28
CA TRP A 14 7.89 22.93 -3.39
C TRP A 14 7.24 21.56 -3.20
N GLN A 15 7.65 20.86 -2.15
CA GLN A 15 7.11 19.54 -1.84
C GLN A 15 5.64 19.64 -1.42
N ALA A 16 4.77 18.91 -2.11
CA ALA A 16 3.40 18.68 -1.64
C ALA A 16 3.22 17.20 -1.25
N LEU A 17 2.39 16.93 -0.25
CA LEU A 17 2.12 15.57 0.13
C LEU A 17 0.61 15.27 -0.04
N LEU A 18 0.32 14.22 -0.79
CA LEU A 18 -1.04 13.74 -0.95
C LEU A 18 -1.44 12.83 0.23
N ILE A 19 -2.58 13.13 0.83
CA ILE A 19 -3.06 12.41 2.00
C ILE A 19 -4.42 11.79 1.75
N ASN A 20 -4.54 10.51 2.06
CA ASN A 20 -5.79 9.81 1.83
C ASN A 20 -6.87 10.21 2.84
N GLU A 21 -7.95 9.44 2.87
CA GLU A 21 -8.98 9.64 3.88
C GLU A 21 -8.41 9.52 5.31
N GLU A 22 -7.61 8.49 5.57
CA GLU A 22 -7.03 8.26 6.90
C GLU A 22 -5.95 9.29 7.29
N ASN A 23 -5.98 10.46 6.67
CA ASN A 23 -4.93 11.49 6.87
C ASN A 23 -3.47 11.05 6.62
N GLU A 24 -3.26 9.89 6.01
CA GLU A 24 -1.89 9.41 5.72
C GLU A 24 -1.42 9.72 4.29
N GLY A 25 -0.18 10.20 4.19
CA GLY A 25 0.45 10.48 2.90
C GLY A 25 0.71 9.18 2.16
N PHE A 26 0.55 9.20 0.85
CA PHE A 26 0.71 7.97 0.08
C PHE A 26 1.43 8.28 -1.23
N CYS A 27 1.57 9.56 -1.54
CA CYS A 27 2.22 10.03 -2.78
C CYS A 27 2.67 11.48 -2.55
N GLY A 28 3.59 11.98 -3.36
CA GLY A 28 4.06 13.35 -3.21
C GLY A 28 3.48 14.14 -4.36
N GLY A 29 3.84 15.43 -4.42
CA GLY A 29 3.54 16.24 -5.58
C GLY A 29 4.49 17.42 -5.55
N THR A 30 4.45 18.23 -6.59
CA THR A 30 5.23 19.44 -6.65
C THR A 30 4.33 20.64 -6.84
N ILE A 31 4.44 21.61 -5.95
CA ILE A 31 3.79 22.90 -6.09
C ILE A 31 4.35 23.66 -7.31
N LEU A 32 3.45 24.10 -8.19
CA LEU A 32 3.83 24.81 -9.42
C LEU A 32 3.39 26.28 -9.38
N SER A 33 2.35 26.56 -8.62
CA SER A 33 1.85 27.91 -8.49
C SER A 33 0.88 27.86 -7.34
N GLU A 34 0.17 28.96 -7.07
CA GLU A 34 -0.74 28.96 -5.92
C GLU A 34 -1.92 27.96 -6.07
N PHE A 35 -2.37 27.74 -7.31
CA PHE A 35 -3.46 26.79 -7.56
C PHE A 35 -3.10 25.37 -8.06
N TYR A 36 -1.87 25.15 -8.50
CA TYR A 36 -1.58 23.86 -9.15
C TYR A 36 -0.49 22.99 -8.53
N ILE A 37 -0.77 21.71 -8.55
CA ILE A 37 0.15 20.72 -8.04
C ILE A 37 0.43 19.73 -9.14
N LEU A 38 1.70 19.44 -9.38
CA LEU A 38 2.09 18.39 -10.30
C LEU A 38 2.24 17.07 -9.53
N THR A 39 1.77 15.95 -10.09
CA THR A 39 1.96 14.68 -9.42
C THR A 39 1.97 13.52 -10.43
N ALA A 40 1.89 12.27 -9.98
CA ALA A 40 1.92 11.14 -10.91
C ALA A 40 0.50 10.74 -11.27
N ALA A 41 0.24 10.39 -12.51
CA ALA A 41 -1.13 9.93 -12.85
C ALA A 41 -1.47 8.66 -12.09
N HIS A 42 -0.46 7.85 -11.79
CA HIS A 42 -0.70 6.55 -11.18
C HIS A 42 -1.10 6.64 -9.72
N CYS A 43 -0.98 7.84 -9.16
CA CYS A 43 -1.30 8.06 -7.77
C CYS A 43 -2.82 8.13 -7.58
N LEU A 44 -3.54 8.44 -8.66
CA LEU A 44 -4.98 8.71 -8.54
C LEU A 44 -5.78 7.42 -8.44
N TYR A 45 -5.11 6.28 -8.47
CA TYR A 45 -5.82 5.00 -8.33
C TYR A 45 -5.56 4.36 -6.97
N GLN A 46 -4.80 5.07 -6.13
CA GLN A 46 -4.36 4.51 -4.86
C GLN A 46 -5.13 5.12 -3.71
N ALA A 47 -6.30 5.66 -4.06
CA ALA A 47 -7.21 6.38 -3.17
C ALA A 47 -8.23 7.07 -4.05
N LYS A 48 -9.49 7.10 -3.64
CA LYS A 48 -10.41 7.94 -4.40
C LYS A 48 -10.43 9.35 -3.82
N ARG A 49 -10.59 9.44 -2.51
CA ARG A 49 -10.64 10.74 -1.87
C ARG A 49 -9.27 11.10 -1.29
N PHE A 50 -8.71 12.21 -1.74
CA PHE A 50 -7.48 12.69 -1.15
C PHE A 50 -7.38 14.23 -1.10
N LYS A 51 -6.47 14.73 -0.27
CA LYS A 51 -6.22 16.16 -0.15
C LYS A 51 -4.75 16.47 -0.37
N VAL A 52 -4.37 17.73 -0.31
CA VAL A 52 -2.99 18.09 -0.51
C VAL A 52 -2.39 18.86 0.67
N ARG A 53 -1.40 18.26 1.32
CA ARG A 53 -0.67 18.98 2.39
C ARG A 53 0.60 19.62 1.84
N VAL A 54 0.84 20.86 2.29
CA VAL A 54 2.06 21.56 1.97
C VAL A 54 2.64 22.08 3.26
N GLY A 55 3.91 22.47 3.23
CA GLY A 55 4.55 23.11 4.37
C GLY A 55 4.95 22.14 5.46
N ASP A 56 4.82 20.85 5.16
CA ASP A 56 5.10 19.82 6.12
C ASP A 56 6.52 19.26 5.93
N ARG A 57 7.19 18.95 7.02
CA ARG A 57 8.47 18.27 6.92
C ARG A 57 8.50 17.13 7.93
N ASN A 58 7.55 17.14 8.86
CA ASN A 58 7.46 16.14 9.93
C ASN A 58 6.01 15.75 10.21
N THR A 59 5.58 14.60 9.70
CA THR A 59 4.17 14.27 9.78
C THR A 59 3.73 13.98 11.21
N GLU A 60 4.56 13.25 11.96
CA GLU A 60 4.24 12.95 13.36
C GLU A 60 4.07 14.20 14.21
N GLN A 61 5.02 15.13 14.13
CA GLN A 61 4.86 16.37 14.87
C GLN A 61 4.34 17.52 14.02
N GLU A 62 3.28 18.17 14.49
CA GLU A 62 2.69 19.31 13.80
C GLU A 62 3.40 20.59 14.22
N GLU A 63 3.70 21.44 13.23
CA GLU A 63 4.47 22.66 13.45
C GLU A 63 3.67 23.96 13.18
N GLY A 64 4.39 25.09 13.16
CA GLY A 64 3.84 26.35 12.67
C GLY A 64 4.04 26.41 11.16
N GLY A 65 2.96 26.25 10.39
CA GLY A 65 3.05 26.51 8.96
C GLY A 65 2.40 25.55 8.01
N GLU A 66 2.05 24.35 8.48
CA GLU A 66 1.37 23.39 7.61
C GLU A 66 -0.03 23.85 7.23
N ALA A 67 -0.54 23.31 6.12
CA ALA A 67 -1.87 23.63 5.62
C ALA A 67 -2.40 22.53 4.70
N VAL A 68 -3.70 22.30 4.76
CA VAL A 68 -4.33 21.33 3.89
C VAL A 68 -5.20 22.04 2.88
N HIS A 69 -5.14 21.56 1.64
CA HIS A 69 -5.85 22.16 0.53
C HIS A 69 -6.66 21.08 -0.20
N GLU A 70 -7.96 21.31 -0.36
CA GLU A 70 -8.78 20.38 -1.11
C GLU A 70 -8.53 20.49 -2.60
N VAL A 71 -8.82 19.39 -3.31
CA VAL A 71 -8.58 19.30 -4.72
C VAL A 71 -9.85 19.67 -5.48
N GLU A 72 -9.74 20.68 -6.36
CA GLU A 72 -10.89 21.08 -7.15
C GLU A 72 -11.06 20.23 -8.41
N VAL A 73 -10.09 20.32 -9.32
CA VAL A 73 -10.10 19.56 -10.57
C VAL A 73 -8.87 18.67 -10.66
N VAL A 74 -9.08 17.42 -11.07
CA VAL A 74 -7.99 16.50 -11.32
C VAL A 74 -7.78 16.47 -12.82
N ILE A 75 -6.58 16.82 -13.26
CA ILE A 75 -6.26 16.73 -14.67
C ILE A 75 -5.19 15.68 -14.90
N LYS A 76 -5.63 14.54 -15.41
CA LYS A 76 -4.78 13.36 -15.58
C LYS A 76 -4.43 13.21 -17.07
N HIS A 77 -3.19 12.89 -17.39
CA HIS A 77 -2.89 12.71 -18.81
C HIS A 77 -3.83 11.65 -19.42
N ASN A 78 -4.46 11.97 -20.55
CA ASN A 78 -5.43 11.04 -21.16
C ASN A 78 -4.79 9.76 -21.70
N ARG A 79 -3.46 9.74 -21.82
CA ARG A 79 -2.78 8.54 -22.32
C ARG A 79 -2.06 7.69 -21.26
N PHE A 80 -2.17 8.05 -19.98
CA PHE A 80 -1.64 7.16 -18.93
C PHE A 80 -2.38 5.83 -18.84
N THR A 81 -1.64 4.76 -18.62
CA THR A 81 -2.24 3.46 -18.31
C THR A 81 -1.35 2.67 -17.39
N LYS A 82 -1.94 1.98 -16.43
CA LYS A 82 -1.22 1.18 -15.46
C LYS A 82 -0.46 0.05 -16.14
N GLU A 83 -0.92 -0.28 -17.35
CA GLU A 83 -0.36 -1.36 -18.17
C GLU A 83 1.11 -1.07 -18.46
N THR A 84 1.38 0.19 -18.78
CA THR A 84 2.70 0.59 -19.24
C THR A 84 3.35 1.62 -18.35
N TYR A 85 2.54 2.28 -17.54
CA TYR A 85 3.00 3.44 -16.74
C TYR A 85 3.55 4.61 -17.57
N ASP A 86 3.25 4.62 -18.87
CA ASP A 86 3.65 5.71 -19.76
C ASP A 86 2.74 6.92 -19.52
N PHE A 87 3.18 8.15 -19.83
CA PHE A 87 2.33 9.34 -19.66
C PHE A 87 1.90 9.45 -18.18
N ASP A 88 2.88 9.23 -17.29
CA ASP A 88 2.63 9.18 -15.85
C ASP A 88 2.69 10.57 -15.20
N ILE A 89 1.68 11.37 -15.48
CA ILE A 89 1.71 12.76 -15.07
C ILE A 89 0.28 13.22 -14.93
N ALA A 90 0.06 14.07 -13.92
CA ALA A 90 -1.25 14.68 -13.65
C ALA A 90 -1.01 16.04 -13.03
N VAL A 91 -1.97 16.93 -13.20
CA VAL A 91 -1.95 18.22 -12.55
C VAL A 91 -3.22 18.34 -11.72
N LEU A 92 -3.09 18.96 -10.54
CA LEU A 92 -4.27 19.24 -9.74
C LEU A 92 -4.46 20.73 -9.55
N ARG A 93 -5.70 21.17 -9.69
CA ARG A 93 -6.11 22.52 -9.29
C ARG A 93 -6.76 22.46 -7.92
N LEU A 94 -6.24 23.25 -6.98
CA LEU A 94 -6.77 23.28 -5.62
C LEU A 94 -8.00 24.15 -5.54
N LYS A 95 -8.81 23.90 -4.52
CA LYS A 95 -10.02 24.67 -4.27
C LYS A 95 -9.70 26.07 -3.75
N THR A 96 -8.61 26.16 -2.98
CA THR A 96 -8.16 27.39 -2.33
C THR A 96 -6.66 27.52 -2.60
N PRO A 97 -6.23 28.71 -3.03
CA PRO A 97 -4.86 29.01 -3.42
C PRO A 97 -3.90 28.87 -2.25
N ILE A 98 -2.71 28.33 -2.48
CA ILE A 98 -1.68 28.33 -1.46
C ILE A 98 -1.16 29.74 -1.18
N THR A 99 -0.88 30.01 0.09
CA THR A 99 -0.16 31.19 0.50
C THR A 99 1.31 30.80 0.66
N PHE A 100 2.16 31.34 -0.20
CA PHE A 100 3.57 30.99 -0.13
C PHE A 100 4.20 31.53 1.13
N ARG A 101 5.13 30.79 1.68
CA ARG A 101 5.67 31.13 2.99
C ARG A 101 6.84 30.19 3.23
N MET A 102 7.45 30.31 4.39
CA MET A 102 8.54 29.40 4.75
C MET A 102 8.15 27.94 4.54
N ASN A 103 8.96 27.20 3.77
CA ASN A 103 8.73 25.78 3.46
C ASN A 103 7.57 25.55 2.47
N VAL A 104 7.01 26.65 1.96
CA VAL A 104 5.94 26.54 0.97
C VAL A 104 6.16 27.52 -0.18
N ALA A 105 6.61 27.00 -1.32
CA ALA A 105 6.84 27.81 -2.50
C ALA A 105 7.01 26.90 -3.72
N PRO A 106 6.76 27.43 -4.92
CA PRO A 106 6.80 26.64 -6.13
C PRO A 106 8.20 26.42 -6.71
N ALA A 107 8.36 25.28 -7.38
CA ALA A 107 9.49 24.98 -8.23
C ALA A 107 9.27 25.60 -9.63
N CYS A 108 10.32 25.91 -10.38
CA CYS A 108 10.11 26.58 -11.69
C CYS A 108 9.95 25.58 -12.81
N LEU A 109 9.07 25.88 -13.74
CA LEU A 109 9.00 25.10 -14.97
C LEU A 109 10.02 25.73 -15.91
N PRO A 110 10.94 24.92 -16.46
CA PRO A 110 11.93 25.38 -17.42
C PRO A 110 11.35 25.49 -18.82
N GLU A 111 12.02 26.25 -19.68
CA GLU A 111 11.81 26.19 -21.13
C GLU A 111 12.38 24.85 -21.62
N ARG A 112 11.68 24.16 -22.51
CA ARG A 112 12.06 22.78 -22.93
C ARG A 112 13.46 22.58 -23.53
N ASP A 113 13.82 23.36 -24.55
CA ASP A 113 15.08 23.17 -25.25
C ASP A 113 16.25 23.45 -24.31
N TRP A 114 16.09 24.49 -23.49
CA TRP A 114 17.12 24.85 -22.55
C TRP A 114 17.20 23.76 -21.47
N ALA A 115 16.06 23.21 -21.07
CA ALA A 115 16.09 22.18 -20.05
C ALA A 115 16.80 20.91 -20.55
N GLU A 116 16.53 20.55 -21.81
CA GLU A 116 17.13 19.38 -22.44
C GLU A 116 18.64 19.49 -22.51
N SER A 117 19.13 20.65 -22.93
CA SER A 117 20.54 20.83 -23.16
C SER A 117 21.28 21.26 -21.90
N THR A 118 20.56 21.75 -20.89
CA THR A 118 21.22 22.37 -19.74
C THR A 118 20.95 21.76 -18.36
N LEU A 119 19.75 21.22 -18.14
CA LEU A 119 19.36 20.67 -16.85
C LEU A 119 19.54 19.18 -16.86
N MET A 120 19.03 18.54 -17.92
CA MET A 120 19.17 17.09 -18.08
C MET A 120 20.61 16.63 -18.37
N THR A 121 21.52 17.56 -18.58
CA THR A 121 22.90 17.25 -18.87
C THR A 121 23.76 17.45 -17.64
N GLN A 122 23.13 17.86 -16.54
CA GLN A 122 23.86 17.98 -15.28
C GLN A 122 24.20 16.58 -14.78
N LYS A 123 25.12 16.54 -13.84
CA LYS A 123 25.53 15.33 -13.19
C LYS A 123 24.34 14.68 -12.46
N THR A 124 23.62 15.47 -11.68
CA THR A 124 22.68 14.94 -10.71
C THR A 124 21.44 15.82 -10.63
N GLY A 125 20.36 15.25 -10.06
CA GLY A 125 19.17 15.96 -9.66
C GLY A 125 18.82 15.67 -8.20
N ILE A 126 17.71 16.26 -7.73
CA ILE A 126 17.26 16.08 -6.37
C ILE A 126 15.82 15.55 -6.33
N VAL A 127 15.63 14.48 -5.58
CA VAL A 127 14.29 13.92 -5.42
C VAL A 127 13.98 14.02 -3.93
N SER A 128 12.70 14.09 -3.57
CA SER A 128 12.36 14.38 -2.19
C SER A 128 11.04 13.70 -1.90
N GLY A 129 10.82 13.32 -0.65
CA GLY A 129 9.50 12.82 -0.24
C GLY A 129 9.43 12.28 1.19
N PHE A 130 8.24 11.90 1.60
CA PHE A 130 8.03 11.29 2.93
C PHE A 130 7.90 9.76 2.82
N GLY A 131 8.33 9.22 1.67
CA GLY A 131 8.08 7.82 1.34
C GLY A 131 8.85 6.86 2.22
N ARG A 132 8.73 5.55 1.95
CA ARG A 132 9.48 4.56 2.75
C ARG A 132 10.97 4.84 2.75
N THR A 133 11.62 4.55 3.89
CA THR A 133 13.06 4.75 4.00
C THR A 133 13.88 3.47 3.78
N HIS A 134 13.18 2.38 3.44
CA HIS A 134 13.76 1.16 2.91
C HIS A 134 12.64 0.48 2.13
N GLU A 135 12.96 -0.37 1.16
CA GLU A 135 11.91 -1.09 0.41
C GLU A 135 10.77 -1.68 1.27
N LYS A 136 11.11 -2.28 2.41
CA LYS A 136 10.12 -2.94 3.26
C LYS A 136 9.99 -2.26 4.63
N GLY A 137 10.29 -0.96 4.67
CA GLY A 137 10.22 -0.18 5.90
C GLY A 137 9.06 0.79 5.89
N GLU A 138 8.97 1.63 6.91
CA GLU A 138 7.82 2.53 7.01
C GLU A 138 8.14 3.86 6.34
N GLN A 139 7.11 4.61 6.01
CA GLN A 139 7.30 5.97 5.55
C GLN A 139 7.99 6.79 6.63
N SER A 140 8.58 7.91 6.23
CA SER A 140 9.29 8.75 7.14
C SER A 140 8.34 9.84 7.57
N THR A 141 8.42 10.27 8.82
CA THR A 141 7.62 11.40 9.26
C THR A 141 8.35 12.69 8.93
N ARG A 142 9.66 12.59 8.72
CA ARG A 142 10.46 13.74 8.28
C ARG A 142 10.60 13.75 6.76
N LEU A 143 10.43 14.92 6.17
CA LEU A 143 10.67 15.07 4.72
C LEU A 143 12.15 14.87 4.41
N LYS A 144 12.45 13.93 3.50
CA LYS A 144 13.82 13.65 3.11
C LYS A 144 14.14 14.07 1.69
N MET A 145 15.42 14.35 1.43
CA MET A 145 15.84 14.70 0.10
C MET A 145 17.07 13.89 -0.31
N LEU A 146 17.29 13.69 -1.60
CA LEU A 146 18.39 12.82 -2.03
C LEU A 146 18.93 13.21 -3.39
N GLU A 147 20.25 13.36 -3.49
CA GLU A 147 20.84 13.66 -4.77
C GLU A 147 20.90 12.35 -5.58
N VAL A 148 20.36 12.35 -6.79
CA VAL A 148 20.49 11.18 -7.69
C VAL A 148 21.15 11.49 -9.05
N PRO A 149 22.24 10.78 -9.36
CA PRO A 149 22.81 10.95 -10.70
C PRO A 149 21.77 10.68 -11.79
N TYR A 150 21.79 11.51 -12.83
CA TYR A 150 21.15 11.12 -14.10
C TYR A 150 21.84 9.85 -14.59
N VAL A 151 21.02 8.94 -15.06
CA VAL A 151 21.51 7.69 -15.57
C VAL A 151 21.20 7.55 -17.08
N ASP A 152 22.16 7.05 -17.84
CA ASP A 152 22.06 7.00 -19.31
C ASP A 152 20.89 6.09 -19.75
N ARG A 153 20.18 6.51 -20.79
N ARG A 153 20.18 6.51 -20.79
CA ARG A 153 19.01 5.76 -21.23
CA ARG A 153 19.01 5.78 -21.24
C ARG A 153 19.31 4.32 -21.61
C ARG A 153 19.31 4.33 -21.61
N ASN A 154 20.38 4.09 -22.36
CA ASN A 154 20.68 2.73 -22.78
C ASN A 154 20.90 1.82 -21.58
N SER A 155 21.64 2.33 -20.59
CA SER A 155 22.03 1.52 -19.42
C SER A 155 20.78 1.18 -18.65
N CYS A 156 19.91 2.16 -18.59
CA CYS A 156 18.65 2.00 -17.87
C CYS A 156 17.74 0.94 -18.49
N LYS A 157 17.59 1.01 -19.81
CA LYS A 157 16.87 -0.02 -20.56
C LYS A 157 17.38 -1.43 -20.29
N LEU A 158 18.70 -1.60 -20.30
CA LEU A 158 19.28 -2.91 -20.05
C LEU A 158 18.96 -3.42 -18.66
N SER A 159 19.01 -2.50 -17.69
CA SER A 159 18.82 -2.82 -16.28
C SER A 159 17.38 -3.17 -15.96
N SER A 160 16.48 -2.86 -16.89
CA SER A 160 15.06 -2.86 -16.58
C SER A 160 14.28 -4.05 -17.11
N SER A 161 13.27 -4.48 -16.34
CA SER A 161 12.43 -5.61 -16.74
C SER A 161 11.14 -5.13 -17.40
N PHE A 162 11.05 -3.85 -17.61
CA PHE A 162 9.84 -3.24 -18.07
C PHE A 162 10.30 -2.18 -19.06
N ILE A 163 9.45 -1.87 -20.03
CA ILE A 163 9.81 -0.94 -21.08
C ILE A 163 9.92 0.47 -20.56
N ILE A 164 11.07 1.10 -20.82
CA ILE A 164 11.30 2.50 -20.53
C ILE A 164 10.98 3.31 -21.77
N THR A 165 10.09 4.29 -21.63
CA THR A 165 9.66 5.07 -22.79
C THR A 165 10.37 6.40 -22.83
N GLN A 166 10.17 7.14 -23.92
CA GLN A 166 10.80 8.45 -24.05
C GLN A 166 10.20 9.50 -23.13
N ASN A 167 9.14 9.08 -22.43
CA ASN A 167 8.45 9.89 -21.44
C ASN A 167 8.96 9.55 -20.05
N MET A 168 9.99 8.70 -20.00
CA MET A 168 10.67 8.32 -18.75
C MET A 168 12.13 8.61 -18.83
N PHE A 169 12.74 8.85 -17.66
CA PHE A 169 14.18 8.79 -17.56
C PHE A 169 14.56 8.07 -16.27
N CYS A 170 15.81 7.64 -16.18
CA CYS A 170 16.27 6.93 -15.01
C CYS A 170 17.28 7.77 -14.25
N ALA A 171 17.28 7.63 -12.94
CA ALA A 171 18.20 8.36 -12.08
C ALA A 171 18.42 7.51 -10.84
N GLY A 172 19.56 7.69 -10.19
CA GLY A 172 19.92 6.85 -9.03
C GLY A 172 21.25 6.15 -9.21
N TYR A 173 21.38 5.02 -8.51
CA TYR A 173 22.65 4.29 -8.37
C TYR A 173 22.48 2.81 -8.66
N ASP A 174 23.52 2.24 -9.24
CA ASP A 174 23.51 0.83 -9.55
C ASP A 174 23.34 0.02 -8.25
N THR A 175 24.31 0.10 -7.36
CA THR A 175 24.24 -0.68 -6.13
C THR A 175 24.10 0.14 -4.86
N LYS A 176 24.52 1.41 -4.92
CA LYS A 176 24.45 2.29 -3.75
C LYS A 176 23.01 2.28 -3.27
N GLN A 177 22.82 2.15 -1.96
CA GLN A 177 21.50 1.97 -1.36
C GLN A 177 20.75 3.29 -1.15
N GLU A 178 20.58 4.08 -2.21
CA GLU A 178 19.86 5.35 -2.11
C GLU A 178 18.92 5.43 -3.26
N ASP A 179 17.69 5.87 -3.01
CA ASP A 179 16.69 5.86 -4.07
C ASP A 179 15.40 6.50 -3.53
N ALA A 180 14.38 6.59 -4.37
CA ALA A 180 13.04 6.94 -3.93
C ALA A 180 12.36 5.61 -3.63
N CYS A 181 11.15 5.64 -3.08
CA CYS A 181 10.44 4.41 -2.68
C CYS A 181 8.92 4.68 -2.56
N GLN A 182 8.19 3.63 -2.25
CA GLN A 182 6.74 3.73 -2.08
C GLN A 182 6.45 4.93 -1.20
N GLY A 183 5.55 5.80 -1.65
CA GLY A 183 5.24 7.00 -0.89
C GLY A 183 5.87 8.29 -1.46
N ASP A 184 6.89 8.14 -2.30
CA ASP A 184 7.56 9.29 -2.92
C ASP A 184 6.96 9.57 -4.29
N SER A 185 6.34 8.54 -4.86
CA SER A 185 5.65 8.63 -6.15
C SER A 185 4.87 9.94 -6.25
N GLY A 186 4.92 10.59 -7.41
CA GLY A 186 4.24 11.87 -7.56
C GLY A 186 5.12 13.04 -7.16
N GLY A 187 6.09 12.79 -6.29
CA GLY A 187 6.93 13.87 -5.75
C GLY A 187 7.85 14.55 -6.75
N PRO A 188 8.65 15.51 -6.24
CA PRO A 188 9.54 16.29 -7.10
C PRO A 188 10.88 15.61 -7.42
N HIS A 189 11.26 15.77 -8.68
CA HIS A 189 12.65 15.65 -9.08
C HIS A 189 13.01 17.01 -9.69
N VAL A 190 13.98 17.70 -9.09
CA VAL A 190 14.31 19.05 -9.57
C VAL A 190 15.80 19.09 -9.85
N THR A 191 16.23 20.04 -10.68
CA THR A 191 17.65 20.20 -10.97
C THR A 191 18.03 21.63 -10.74
N ARG A 192 19.14 21.82 -10.05
CA ARG A 192 19.56 23.13 -9.63
C ARG A 192 20.38 23.75 -10.75
N PHE A 193 20.10 25.02 -11.08
CA PHE A 193 20.95 25.77 -11.98
C PHE A 193 21.18 27.19 -11.47
N LYS A 194 22.42 27.52 -11.18
CA LYS A 194 22.71 28.77 -10.48
C LYS A 194 21.66 29.10 -9.41
N ASP A 195 21.57 28.28 -8.37
CA ASP A 195 20.78 28.65 -7.19
C ASP A 195 19.27 28.67 -7.37
N THR A 196 18.75 28.15 -8.48
CA THR A 196 17.32 28.08 -8.75
C THR A 196 17.02 26.63 -9.12
N TYR A 197 15.91 26.10 -8.64
CA TYR A 197 15.59 24.70 -8.85
C TYR A 197 14.43 24.51 -9.84
N PHE A 198 14.61 23.69 -10.87
CA PHE A 198 13.60 23.61 -11.92
C PHE A 198 13.07 22.19 -11.94
N VAL A 199 11.77 22.05 -12.15
CA VAL A 199 11.14 20.74 -12.23
C VAL A 199 11.71 19.98 -13.41
N THR A 200 12.24 18.78 -13.18
CA THR A 200 12.75 17.95 -14.25
C THR A 200 12.10 16.54 -14.30
N GLY A 201 11.61 16.06 -13.17
CA GLY A 201 11.12 14.67 -13.12
C GLY A 201 9.94 14.60 -12.18
N ILE A 202 9.21 13.49 -12.27
CA ILE A 202 8.20 13.21 -11.30
C ILE A 202 8.51 11.80 -10.87
N VAL A 203 8.76 11.58 -9.59
CA VAL A 203 8.96 10.23 -9.11
C VAL A 203 7.84 9.39 -9.65
N SER A 204 8.22 8.32 -10.34
CA SER A 204 7.23 7.55 -11.05
C SER A 204 7.20 6.09 -10.66
N TRP A 205 8.31 5.39 -10.85
CA TRP A 205 8.32 3.97 -10.47
C TRP A 205 9.70 3.38 -10.38
N GLY A 206 9.75 2.16 -9.85
CA GLY A 206 10.99 1.41 -9.70
C GLY A 206 10.62 0.00 -9.33
N GLU A 207 11.49 -0.96 -9.65
CA GLU A 207 11.27 -2.35 -9.23
C GLU A 207 11.87 -2.48 -7.83
N GLY A 208 11.02 -2.51 -6.81
CA GLY A 208 11.51 -2.40 -5.45
C GLY A 208 12.05 -1.01 -5.19
N CYS A 209 12.98 -0.89 -4.25
CA CYS A 209 13.59 0.41 -3.97
C CYS A 209 15.05 0.22 -3.73
N ALA A 210 15.87 0.92 -4.49
CA ALA A 210 17.30 0.89 -4.29
C ALA A 210 17.90 -0.51 -4.46
N ARG A 211 17.24 -1.35 -5.26
CA ARG A 211 17.73 -2.68 -5.52
C ARG A 211 19.05 -2.61 -6.26
N LYS A 212 19.85 -3.65 -6.13
CA LYS A 212 21.09 -3.70 -6.88
C LYS A 212 20.82 -3.92 -8.38
N GLY A 213 21.30 -2.98 -9.20
CA GLY A 213 21.13 -3.07 -10.65
C GLY A 213 19.80 -2.59 -11.17
N LYS A 214 19.13 -1.77 -10.38
CA LYS A 214 17.86 -1.21 -10.79
C LYS A 214 17.98 0.26 -10.46
N TYR A 215 17.37 1.11 -11.29
CA TYR A 215 17.40 2.53 -10.99
C TYR A 215 16.00 3.08 -10.66
N GLY A 216 15.93 4.36 -10.30
CA GLY A 216 14.64 5.04 -10.12
C GLY A 216 14.17 5.53 -11.47
N ILE A 217 12.87 5.38 -11.74
CA ILE A 217 12.29 5.79 -13.00
C ILE A 217 11.36 6.98 -12.78
N TYR A 218 11.60 8.05 -13.56
CA TYR A 218 10.95 9.32 -13.41
C TYR A 218 10.29 9.68 -14.71
N THR A 219 9.12 10.32 -14.60
CA THR A 219 8.41 10.89 -15.72
C THR A 219 9.25 12.04 -16.28
N LYS A 220 9.45 12.09 -17.59
CA LYS A 220 10.31 13.13 -18.16
C LYS A 220 9.54 14.42 -18.42
N VAL A 221 9.64 15.32 -17.46
CA VAL A 221 8.84 16.51 -17.52
C VAL A 221 9.01 17.29 -18.82
N THR A 222 10.19 17.24 -19.44
CA THR A 222 10.42 18.06 -20.66
C THR A 222 9.49 17.62 -21.78
N ALA A 223 8.99 16.40 -21.71
CA ALA A 223 8.07 15.92 -22.73
C ALA A 223 6.69 16.57 -22.51
N PHE A 224 6.50 17.20 -21.36
CA PHE A 224 5.13 17.53 -20.95
C PHE A 224 4.96 18.96 -20.56
N LEU A 225 5.95 19.77 -20.91
CA LEU A 225 5.91 21.18 -20.58
C LEU A 225 4.73 21.90 -21.21
N LYS A 226 4.46 21.64 -22.50
CA LYS A 226 3.28 22.21 -23.14
C LYS A 226 1.98 21.66 -22.52
N TRP A 227 2.01 20.37 -22.15
CA TRP A 227 0.84 19.72 -21.56
C TRP A 227 0.50 20.33 -20.21
N ILE A 228 1.54 20.60 -19.40
CA ILE A 228 1.36 21.21 -18.08
C ILE A 228 0.83 22.63 -18.20
N ASP A 229 1.47 23.41 -19.07
CA ASP A 229 0.98 24.71 -19.53
C ASP A 229 -0.52 24.71 -19.86
N ARG A 230 -0.95 23.81 -20.75
CA ARG A 230 -2.35 23.82 -21.17
C ARG A 230 -3.25 23.49 -19.99
N SER A 231 -2.76 22.59 -19.15
CA SER A 231 -3.47 22.14 -17.98
C SER A 231 -3.64 23.22 -16.93
N MET A 232 -2.72 24.16 -16.89
CA MET A 232 -2.77 25.20 -15.87
C MET A 232 -3.52 26.46 -16.29
N LYS A 233 -3.77 26.63 -17.59
CA LYS A 233 -4.50 27.82 -18.04
C LYS A 233 -6.01 27.59 -18.07
N ILE B 1 -21.29 -17.82 18.43
CA ILE B 1 -21.93 -17.22 17.23
C ILE B 1 -23.39 -16.83 17.52
N VAL B 2 -23.74 -15.56 17.29
CA VAL B 2 -25.13 -15.08 17.39
C VAL B 2 -25.84 -15.22 16.03
N GLY B 3 -26.93 -15.99 16.00
CA GLY B 3 -27.59 -16.31 14.74
C GLY B 3 -26.84 -17.36 13.96
N GLY B 4 -26.85 -17.27 12.63
CA GLY B 4 -26.16 -18.26 11.79
C GLY B 4 -26.83 -19.64 11.91
N GLN B 5 -26.07 -20.71 11.69
CA GLN B 5 -26.59 -22.08 11.73
C GLN B 5 -25.56 -23.07 12.27
N GLU B 6 -26.02 -24.25 12.68
CA GLU B 6 -25.14 -25.31 13.13
C GLU B 6 -24.40 -25.83 11.92
N CYS B 7 -23.10 -26.07 12.03
CA CYS B 7 -22.37 -26.71 10.95
C CYS B 7 -22.89 -28.12 10.75
N LYS B 8 -23.23 -28.48 9.53
CA LYS B 8 -23.61 -29.85 9.27
C LYS B 8 -22.32 -30.62 9.16
N ASP B 9 -22.42 -31.93 9.27
CA ASP B 9 -21.25 -32.79 9.16
C ASP B 9 -20.37 -32.39 8.00
N GLY B 10 -19.09 -32.20 8.34
CA GLY B 10 -18.08 -31.91 7.35
C GLY B 10 -18.12 -30.52 6.76
N GLU B 11 -18.91 -29.61 7.30
CA GLU B 11 -19.00 -28.29 6.70
C GLU B 11 -18.04 -27.26 7.23
N CYS B 12 -17.42 -27.56 8.37
CA CYS B 12 -16.52 -26.61 9.03
C CYS B 12 -15.30 -27.34 9.59
N PRO B 13 -14.69 -28.22 8.77
CA PRO B 13 -13.70 -29.17 9.28
C PRO B 13 -12.40 -28.54 9.73
N TRP B 14 -12.12 -27.31 9.30
CA TRP B 14 -10.91 -26.59 9.76
C TRP B 14 -11.08 -26.01 11.16
N GLN B 15 -12.27 -26.10 11.75
CA GLN B 15 -12.48 -25.55 13.10
C GLN B 15 -11.60 -26.29 14.08
N ALA B 16 -10.78 -25.57 14.84
CA ALA B 16 -10.18 -26.14 16.06
C ALA B 16 -10.72 -25.40 17.26
N LEU B 17 -10.70 -26.03 18.42
CA LEU B 17 -11.17 -25.40 19.65
C LEU B 17 -10.09 -25.46 20.74
N LEU B 18 -9.83 -24.31 21.35
CA LEU B 18 -8.82 -24.24 22.42
C LEU B 18 -9.47 -24.52 23.74
N ILE B 19 -9.04 -25.58 24.42
CA ILE B 19 -9.65 -25.95 25.69
C ILE B 19 -8.71 -25.77 26.91
N ASN B 20 -9.24 -25.16 27.95
CA ASN B 20 -8.49 -24.93 29.17
C ASN B 20 -8.43 -26.20 30.03
N GLU B 21 -7.99 -26.06 31.27
CA GLU B 21 -7.79 -27.22 32.15
C GLU B 21 -9.09 -27.75 32.75
N GLU B 22 -10.17 -27.00 32.60
CA GLU B 22 -11.49 -27.52 32.91
C GLU B 22 -12.03 -28.35 31.72
N ASN B 23 -11.22 -28.44 30.67
CA ASN B 23 -11.58 -29.06 29.38
C ASN B 23 -12.74 -28.34 28.73
N GLU B 24 -12.76 -27.03 28.92
CA GLU B 24 -13.84 -26.20 28.45
C GLU B 24 -13.26 -25.24 27.42
N GLY B 25 -14.00 -25.05 26.34
CA GLY B 25 -13.57 -24.16 25.28
C GLY B 25 -13.56 -22.72 25.77
N PHE B 26 -12.52 -21.99 25.42
CA PHE B 26 -12.46 -20.56 25.69
C PHE B 26 -12.09 -19.80 24.41
N CYS B 27 -11.52 -20.48 23.43
CA CYS B 27 -11.12 -19.84 22.17
C CYS B 27 -11.13 -20.78 20.98
N GLY B 28 -11.37 -20.22 19.80
CA GLY B 28 -11.20 -21.02 18.60
C GLY B 28 -9.80 -21.03 18.03
N GLY B 29 -9.67 -21.75 16.90
CA GLY B 29 -8.50 -21.76 16.05
C GLY B 29 -8.87 -22.34 14.68
N THR B 30 -7.94 -22.26 13.74
CA THR B 30 -8.11 -22.80 12.40
C THR B 30 -7.00 -23.78 12.10
N ILE B 31 -7.35 -24.97 11.66
CA ILE B 31 -6.35 -25.95 11.25
C ILE B 31 -5.67 -25.47 9.97
N LEU B 32 -4.34 -25.33 10.00
CA LEU B 32 -3.57 -24.99 8.80
C LEU B 32 -2.83 -26.20 8.19
N SER B 33 -2.46 -27.15 9.04
CA SER B 33 -1.81 -28.36 8.53
C SER B 33 -1.85 -29.40 9.63
N GLU B 34 -1.38 -30.60 9.33
CA GLU B 34 -1.43 -31.65 10.33
C GLU B 34 -0.78 -31.15 11.64
N PHE B 35 0.14 -30.19 11.54
CA PHE B 35 0.88 -29.74 12.73
C PHE B 35 0.58 -28.32 13.21
N TYR B 36 -0.23 -27.55 12.52
CA TYR B 36 -0.34 -26.12 12.86
C TYR B 36 -1.78 -25.61 12.98
N ILE B 37 -2.01 -24.82 14.02
CA ILE B 37 -3.28 -24.14 14.20
C ILE B 37 -3.03 -22.66 14.20
N LEU B 38 -3.95 -21.91 13.61
CA LEU B 38 -3.86 -20.47 13.57
C LEU B 38 -4.77 -19.95 14.66
N THR B 39 -4.32 -19.01 15.48
CA THR B 39 -5.23 -18.51 16.53
C THR B 39 -5.09 -17.02 16.84
N ALA B 40 -5.78 -16.53 17.86
CA ALA B 40 -5.61 -15.10 18.23
C ALA B 40 -4.61 -14.97 19.37
N ALA B 41 -3.74 -13.96 19.31
CA ALA B 41 -2.75 -13.79 20.40
C ALA B 41 -3.44 -13.48 21.72
N HIS B 42 -4.59 -12.86 21.68
CA HIS B 42 -5.29 -12.53 22.92
C HIS B 42 -5.77 -13.77 23.67
N CYS B 43 -5.83 -14.90 22.96
CA CYS B 43 -6.31 -16.15 23.50
C CYS B 43 -5.26 -16.80 24.37
N LEU B 44 -4.03 -16.32 24.24
CA LEU B 44 -2.93 -16.95 24.94
C LEU B 44 -2.82 -16.49 26.39
N TYR B 45 -3.71 -15.60 26.81
CA TYR B 45 -3.66 -15.04 28.17
C TYR B 45 -4.80 -15.60 29.01
N GLN B 46 -5.64 -16.41 28.36
CA GLN B 46 -6.82 -17.00 29.00
C GLN B 46 -6.51 -18.34 29.66
N ALA B 47 -5.28 -18.83 29.49
CA ALA B 47 -4.90 -20.14 29.99
C ALA B 47 -3.38 -20.34 29.93
N LYS B 48 -2.80 -20.91 30.99
CA LYS B 48 -1.37 -21.23 30.98
C LYS B 48 -1.17 -22.57 30.31
N ARG B 49 -2.12 -23.47 30.55
CA ARG B 49 -2.13 -24.78 29.90
C ARG B 49 -3.44 -25.01 29.15
N PHE B 50 -3.36 -25.05 27.82
CA PHE B 50 -4.54 -25.39 27.05
C PHE B 50 -4.18 -26.50 26.08
N LYS B 51 -5.21 -27.15 25.57
CA LYS B 51 -5.04 -28.14 24.52
C LYS B 51 -5.88 -27.68 23.35
N VAL B 52 -5.65 -28.29 22.20
CA VAL B 52 -6.39 -28.00 20.98
C VAL B 52 -7.35 -29.17 20.69
N ARG B 53 -8.63 -28.86 20.50
CA ARG B 53 -9.62 -29.89 20.15
C ARG B 53 -10.07 -29.74 18.70
N VAL B 54 -10.14 -30.86 17.98
CA VAL B 54 -10.64 -30.87 16.58
C VAL B 54 -11.74 -31.92 16.43
N GLY B 55 -12.38 -31.94 15.28
CA GLY B 55 -13.47 -32.89 15.07
C GLY B 55 -14.61 -32.61 16.02
N GLY B 64 -15.18 -41.79 20.12
CA GLY B 64 -14.23 -41.08 19.25
C GLY B 64 -14.92 -40.18 18.25
N GLY B 65 -14.15 -39.29 17.62
CA GLY B 65 -14.67 -38.31 16.66
C GLY B 65 -13.96 -36.98 16.84
N GLU B 66 -14.19 -36.36 17.99
CA GLU B 66 -13.36 -35.28 18.48
C GLU B 66 -11.98 -35.85 18.79
N ALA B 67 -10.93 -35.05 18.64
CA ALA B 67 -9.61 -35.48 19.08
C ALA B 67 -8.90 -34.32 19.75
N VAL B 68 -7.92 -34.66 20.58
CA VAL B 68 -7.24 -33.70 21.44
C VAL B 68 -5.73 -33.80 21.30
N HIS B 69 -5.13 -32.63 21.14
CA HIS B 69 -3.72 -32.51 20.83
C HIS B 69 -3.02 -31.55 21.77
N GLU B 70 -1.81 -31.91 22.17
CA GLU B 70 -0.99 -31.01 22.98
C GLU B 70 -0.17 -30.04 22.14
N VAL B 71 0.04 -28.85 22.69
CA VAL B 71 0.78 -27.80 22.01
C VAL B 71 2.24 -27.87 22.36
N GLU B 72 3.07 -28.16 21.36
CA GLU B 72 4.50 -28.20 21.55
C GLU B 72 5.10 -26.79 21.57
N VAL B 73 4.66 -25.92 20.65
CA VAL B 73 5.13 -24.54 20.65
C VAL B 73 4.00 -23.54 20.45
N VAL B 74 4.10 -22.40 21.14
CA VAL B 74 3.23 -21.25 20.88
C VAL B 74 4.09 -20.16 20.24
N ILE B 75 3.65 -19.66 19.09
CA ILE B 75 4.38 -18.59 18.40
C ILE B 75 3.52 -17.34 18.35
N LYS B 76 3.67 -16.49 19.36
CA LYS B 76 2.84 -15.31 19.50
C LYS B 76 3.47 -14.17 18.72
N HIS B 77 2.67 -13.40 17.99
CA HIS B 77 3.26 -12.25 17.32
C HIS B 77 3.82 -11.24 18.33
N ASN B 78 5.13 -11.01 18.27
CA ASN B 78 5.74 -10.22 19.32
C ASN B 78 5.22 -8.79 19.38
N ARG B 79 4.50 -8.37 18.34
CA ARG B 79 3.98 -6.99 18.33
C ARG B 79 2.57 -6.85 18.93
N PHE B 80 2.00 -7.94 19.41
CA PHE B 80 0.67 -7.87 20.01
C PHE B 80 0.67 -7.31 21.43
N THR B 81 -0.46 -6.70 21.80
CA THR B 81 -0.67 -6.24 23.15
C THR B 81 -2.17 -6.08 23.47
N LYS B 82 -2.55 -6.45 24.70
CA LYS B 82 -3.92 -6.34 25.18
C LYS B 82 -4.27 -4.87 25.06
N GLU B 83 -3.22 -4.05 25.05
CA GLU B 83 -3.34 -2.60 24.97
C GLU B 83 -4.04 -2.16 23.68
N THR B 84 -3.72 -2.84 22.59
CA THR B 84 -4.16 -2.39 21.27
C THR B 84 -4.94 -3.46 20.54
N TYR B 85 -4.67 -4.72 20.87
CA TYR B 85 -5.32 -5.81 20.16
C TYR B 85 -4.84 -5.84 18.70
N ASP B 86 -3.76 -5.12 18.45
CA ASP B 86 -3.12 -5.12 17.14
C ASP B 86 -2.19 -6.34 17.02
N PHE B 87 -1.91 -6.75 15.78
CA PHE B 87 -1.12 -7.95 15.55
C PHE B 87 -1.71 -9.15 16.30
N ASP B 88 -3.04 -9.24 16.34
CA ASP B 88 -3.70 -10.27 17.13
C ASP B 88 -3.72 -11.63 16.39
N ILE B 89 -2.53 -12.23 16.30
CA ILE B 89 -2.36 -13.49 15.57
C ILE B 89 -1.35 -14.34 16.32
N ALA B 90 -1.42 -15.65 16.11
CA ALA B 90 -0.46 -16.58 16.70
C ALA B 90 -0.62 -17.93 16.02
N VAL B 91 0.48 -18.68 15.94
CA VAL B 91 0.48 -20.02 15.39
C VAL B 91 0.88 -21.02 16.47
N LEU B 92 0.28 -22.22 16.45
CA LEU B 92 0.58 -23.24 17.42
C LEU B 92 1.11 -24.46 16.68
N ARG B 93 2.24 -25.00 17.13
CA ARG B 93 2.68 -26.30 16.62
C ARG B 93 2.27 -27.40 17.58
N LEU B 94 1.67 -28.44 17.01
CA LEU B 94 1.16 -29.52 17.83
C LEU B 94 2.26 -30.50 18.15
N LYS B 95 2.10 -31.20 19.27
CA LYS B 95 3.09 -32.16 19.73
C LYS B 95 3.03 -33.41 18.84
N THR B 96 1.86 -33.66 18.26
CA THR B 96 1.64 -34.80 17.35
C THR B 96 0.69 -34.35 16.24
N PRO B 97 0.75 -35.04 15.10
CA PRO B 97 0.05 -34.57 13.91
C PRO B 97 -1.43 -34.91 13.87
N ILE B 98 -2.24 -33.94 13.49
CA ILE B 98 -3.65 -34.15 13.27
C ILE B 98 -3.84 -35.15 12.12
N THR B 99 -4.68 -36.13 12.36
CA THR B 99 -5.03 -37.06 11.32
C THR B 99 -6.24 -36.42 10.69
N PHE B 100 -6.18 -36.17 9.38
CA PHE B 100 -7.32 -35.61 8.65
C PHE B 100 -8.39 -36.66 8.40
N ARG B 101 -9.64 -36.25 8.43
CA ARG B 101 -10.78 -37.17 8.40
C ARG B 101 -12.05 -36.34 8.42
N MET B 102 -13.18 -37.03 8.50
CA MET B 102 -14.46 -36.35 8.60
C MET B 102 -14.46 -35.29 9.70
N ASN B 103 -14.69 -34.03 9.33
CA ASN B 103 -14.78 -32.91 10.27
C ASN B 103 -13.41 -32.38 10.71
N VAL B 104 -12.37 -32.87 10.07
CA VAL B 104 -11.02 -32.49 10.42
C VAL B 104 -10.18 -32.30 9.14
N ALA B 105 -9.96 -31.06 8.73
CA ALA B 105 -9.11 -30.79 7.58
C ALA B 105 -8.75 -29.31 7.57
N PRO B 106 -7.66 -28.95 6.89
CA PRO B 106 -7.16 -27.59 6.98
C PRO B 106 -7.86 -26.68 5.99
N ALA B 107 -7.84 -25.38 6.30
CA ALA B 107 -8.32 -24.37 5.40
C ALA B 107 -7.09 -23.96 4.62
N CYS B 108 -7.29 -23.39 3.44
CA CYS B 108 -6.15 -23.06 2.61
C CYS B 108 -5.64 -21.69 2.93
N LEU B 109 -4.33 -21.55 2.90
CA LEU B 109 -3.77 -20.21 2.92
C LEU B 109 -3.65 -19.76 1.46
N PRO B 110 -4.28 -18.61 1.14
CA PRO B 110 -4.19 -17.97 -0.17
C PRO B 110 -2.89 -17.17 -0.38
N GLU B 111 -2.59 -16.89 -1.64
CA GLU B 111 -1.53 -15.97 -2.03
C GLU B 111 -2.01 -14.57 -1.76
N ARG B 112 -1.12 -13.71 -1.28
CA ARG B 112 -1.59 -12.46 -0.70
C ARG B 112 -2.25 -11.53 -1.70
N ASP B 113 -1.60 -11.28 -2.82
CA ASP B 113 -2.12 -10.33 -3.78
C ASP B 113 -3.47 -10.80 -4.35
N TRP B 114 -3.61 -12.09 -4.63
CA TRP B 114 -4.91 -12.64 -5.05
C TRP B 114 -5.96 -12.57 -3.95
N ALA B 115 -5.56 -12.81 -2.70
CA ALA B 115 -6.49 -12.64 -1.60
C ALA B 115 -7.03 -11.19 -1.48
N GLU B 116 -6.16 -10.20 -1.68
CA GLU B 116 -6.62 -8.82 -1.63
C GLU B 116 -7.57 -8.50 -2.76
N SER B 117 -7.22 -8.94 -3.97
CA SER B 117 -8.01 -8.58 -5.16
C SER B 117 -9.29 -9.39 -5.26
N THR B 118 -9.28 -10.61 -4.72
CA THR B 118 -10.35 -11.54 -5.03
C THR B 118 -11.14 -12.09 -3.85
N LEU B 119 -10.49 -12.26 -2.70
CA LEU B 119 -11.20 -12.80 -1.52
C LEU B 119 -11.79 -11.68 -0.68
N MET B 120 -10.96 -10.71 -0.29
CA MET B 120 -11.40 -9.58 0.51
C MET B 120 -12.41 -8.74 -0.26
N THR B 121 -12.49 -8.94 -1.58
CA THR B 121 -13.48 -8.22 -2.39
C THR B 121 -14.78 -8.98 -2.52
N GLN B 122 -14.87 -10.16 -1.92
CA GLN B 122 -16.12 -10.88 -2.00
C GLN B 122 -17.17 -10.15 -1.17
N LYS B 123 -18.44 -10.49 -1.40
CA LYS B 123 -19.52 -9.93 -0.60
C LYS B 123 -19.35 -10.28 0.88
N THR B 124 -19.00 -11.54 1.13
CA THR B 124 -19.04 -12.10 2.49
C THR B 124 -17.95 -13.11 2.76
N GLY B 125 -17.83 -13.49 4.02
CA GLY B 125 -16.92 -14.53 4.49
C GLY B 125 -17.69 -15.32 5.53
N ILE B 126 -17.17 -16.49 5.93
CA ILE B 126 -17.84 -17.37 6.89
C ILE B 126 -17.07 -17.39 8.22
N VAL B 127 -17.77 -17.14 9.34
CA VAL B 127 -17.14 -17.17 10.67
C VAL B 127 -17.76 -18.34 11.41
N SER B 128 -17.01 -18.95 12.32
CA SER B 128 -17.54 -20.13 12.99
C SER B 128 -16.94 -20.39 14.37
N GLY B 129 -17.67 -21.13 15.20
CA GLY B 129 -17.12 -21.39 16.54
C GLY B 129 -18.14 -21.88 17.51
N PHE B 130 -17.67 -22.22 18.71
CA PHE B 130 -18.52 -22.77 19.78
C PHE B 130 -18.93 -21.72 20.81
N GLY B 131 -18.76 -20.44 20.48
CA GLY B 131 -18.94 -19.37 21.48
C GLY B 131 -20.39 -19.11 21.81
N ARG B 132 -20.63 -18.04 22.55
CA ARG B 132 -21.98 -17.72 22.99
C ARG B 132 -22.96 -17.48 21.85
N THR B 133 -24.23 -17.79 22.11
CA THR B 133 -25.29 -17.63 21.11
C THR B 133 -26.02 -16.29 21.23
N HIS B 134 -25.66 -15.53 22.26
CA HIS B 134 -26.14 -14.17 22.45
C HIS B 134 -25.22 -13.53 23.49
N GLU B 135 -25.11 -12.20 23.47
CA GLU B 135 -24.09 -11.49 24.26
C GLU B 135 -24.04 -11.92 25.72
N LYS B 136 -25.21 -12.21 26.28
CA LYS B 136 -25.28 -12.67 27.66
C LYS B 136 -25.37 -14.19 27.80
N GLY B 137 -25.40 -14.90 26.66
CA GLY B 137 -25.69 -16.33 26.67
C GLY B 137 -24.54 -17.16 27.21
N GLU B 138 -24.59 -18.46 26.96
CA GLU B 138 -23.47 -19.33 27.27
C GLU B 138 -23.00 -19.99 25.96
N GLN B 139 -21.85 -20.65 26.00
CA GLN B 139 -21.31 -21.22 24.78
C GLN B 139 -22.25 -22.27 24.18
N SER B 140 -22.12 -22.48 22.88
CA SER B 140 -22.91 -23.50 22.19
C SER B 140 -22.16 -24.82 22.28
N THR B 141 -22.87 -25.90 22.61
CA THR B 141 -22.29 -27.24 22.55
C THR B 141 -22.14 -27.59 21.06
N ARG B 142 -22.92 -26.92 20.22
CA ARG B 142 -22.96 -27.24 18.81
C ARG B 142 -22.10 -26.26 18.03
N LEU B 143 -21.29 -26.78 17.10
CA LEU B 143 -20.54 -25.89 16.21
C LEU B 143 -21.47 -25.10 15.30
N LYS B 144 -21.30 -23.78 15.30
CA LYS B 144 -22.10 -22.95 14.41
C LYS B 144 -21.26 -22.15 13.41
N MET B 145 -21.92 -21.71 12.34
CA MET B 145 -21.25 -20.83 11.43
C MET B 145 -22.18 -19.73 10.98
N LEU B 146 -21.59 -18.70 10.38
CA LEU B 146 -22.35 -17.53 10.04
C LEU B 146 -21.67 -16.77 8.91
N GLU B 147 -22.45 -16.47 7.88
CA GLU B 147 -21.99 -15.65 6.77
C GLU B 147 -21.92 -14.20 7.22
N VAL B 148 -20.76 -13.58 7.10
CA VAL B 148 -20.59 -12.22 7.60
C VAL B 148 -20.09 -11.27 6.49
N PRO B 149 -20.94 -10.31 6.10
CA PRO B 149 -20.60 -9.37 5.04
C PRO B 149 -19.30 -8.60 5.36
N TYR B 150 -18.44 -8.38 4.37
CA TYR B 150 -17.29 -7.53 4.60
C TYR B 150 -17.77 -6.13 4.82
N VAL B 151 -17.15 -5.44 5.78
CA VAL B 151 -17.55 -4.06 6.06
C VAL B 151 -16.47 -3.03 5.69
N ASP B 152 -16.91 -1.93 5.12
CA ASP B 152 -16.02 -0.85 4.71
C ASP B 152 -15.17 -0.40 5.90
N ARG B 153 -13.91 -0.05 5.64
N ARG B 153 -13.91 -0.05 5.64
CA ARG B 153 -13.02 0.41 6.71
CA ARG B 153 -13.01 0.39 6.70
C ARG B 153 -13.49 1.73 7.28
C ARG B 153 -13.46 1.73 7.27
N ASN B 154 -13.87 2.65 6.40
CA ASN B 154 -14.37 3.95 6.85
C ASN B 154 -15.52 3.78 7.82
N SER B 155 -16.56 3.07 7.39
CA SER B 155 -17.73 2.79 8.21
C SER B 155 -17.35 2.15 9.53
N CYS B 156 -16.32 1.33 9.51
CA CYS B 156 -15.96 0.55 10.68
C CYS B 156 -15.18 1.30 11.75
N LYS B 157 -14.28 2.18 11.32
CA LYS B 157 -13.55 3.01 12.27
C LYS B 157 -14.52 4.01 12.91
N LEU B 158 -15.44 4.52 12.10
CA LEU B 158 -16.47 5.41 12.61
C LEU B 158 -17.35 4.74 13.67
N SER B 159 -17.59 3.44 13.49
CA SER B 159 -18.49 2.70 14.37
C SER B 159 -17.83 2.29 15.70
N SER B 160 -16.53 2.53 15.82
CA SER B 160 -15.75 1.95 16.91
C SER B 160 -15.22 2.96 17.89
N SER B 161 -15.25 2.57 19.16
CA SER B 161 -14.69 3.32 20.27
C SER B 161 -13.25 2.89 20.48
N PHE B 162 -12.74 2.10 19.55
CA PHE B 162 -11.34 1.75 19.58
C PHE B 162 -10.73 1.97 18.23
N ILE B 163 -9.43 2.24 18.21
CA ILE B 163 -8.71 2.36 16.96
C ILE B 163 -8.70 1.03 16.19
N ILE B 164 -9.15 1.08 14.94
CA ILE B 164 -9.15 -0.07 14.06
C ILE B 164 -7.93 0.04 13.16
N THR B 165 -6.92 -0.81 13.37
CA THR B 165 -5.69 -0.61 12.63
C THR B 165 -5.74 -1.29 11.28
N GLN B 166 -4.63 -1.22 10.56
CA GLN B 166 -4.57 -1.82 9.24
C GLN B 166 -4.57 -3.34 9.31
N ASN B 167 -4.29 -3.89 10.49
CA ASN B 167 -4.20 -5.33 10.68
C ASN B 167 -5.56 -5.88 11.15
N MET B 168 -6.57 -5.03 11.09
CA MET B 168 -7.92 -5.42 11.46
C MET B 168 -8.86 -5.22 10.29
N PHE B 169 -9.93 -6.01 10.25
CA PHE B 169 -11.06 -5.64 9.40
C PHE B 169 -12.40 -6.01 10.05
N CYS B 170 -13.46 -5.38 9.56
CA CYS B 170 -14.78 -5.58 10.11
C CYS B 170 -15.68 -6.41 9.20
N ALA B 171 -16.50 -7.22 9.83
CA ALA B 171 -17.36 -8.12 9.10
C ALA B 171 -18.65 -8.19 9.86
N GLY B 172 -19.76 -8.36 9.14
CA GLY B 172 -21.02 -8.56 9.81
C GLY B 172 -22.02 -7.45 9.54
N TYR B 173 -22.80 -7.13 10.57
CA TYR B 173 -24.01 -6.35 10.36
C TYR B 173 -24.09 -5.14 11.27
N ASP B 174 -24.65 -4.08 10.70
CA ASP B 174 -24.91 -2.86 11.43
C ASP B 174 -25.89 -3.11 12.57
N THR B 175 -27.09 -3.57 12.22
CA THR B 175 -28.13 -3.79 13.22
C THR B 175 -28.59 -5.25 13.30
N LYS B 176 -28.49 -5.98 12.19
CA LYS B 176 -28.97 -7.35 12.19
C LYS B 176 -28.30 -8.10 13.32
N GLN B 177 -29.06 -8.90 14.04
CA GLN B 177 -28.50 -9.55 15.20
C GLN B 177 -27.78 -10.85 14.80
N GLU B 178 -26.68 -10.73 14.08
CA GLU B 178 -25.85 -11.90 13.78
C GLU B 178 -24.40 -11.50 13.93
N ASP B 179 -23.60 -12.31 14.60
CA ASP B 179 -22.24 -11.89 14.95
C ASP B 179 -21.52 -13.03 15.66
N ALA B 180 -20.23 -12.87 15.82
CA ALA B 180 -19.41 -13.79 16.60
C ALA B 180 -19.54 -13.29 18.01
N CYS B 181 -19.11 -14.09 18.98
CA CYS B 181 -19.22 -13.68 20.39
C CYS B 181 -18.15 -14.36 21.21
N GLN B 182 -18.15 -14.07 22.51
CA GLN B 182 -17.22 -14.64 23.46
C GLN B 182 -17.16 -16.14 23.29
N GLY B 183 -15.95 -16.69 23.19
CA GLY B 183 -15.76 -18.12 23.02
C GLY B 183 -15.46 -18.44 21.56
N ASP B 184 -15.71 -17.46 20.69
CA ASP B 184 -15.42 -17.61 19.28
C ASP B 184 -14.02 -17.04 18.96
N SER B 185 -13.55 -16.07 19.74
CA SER B 185 -12.22 -15.47 19.53
C SER B 185 -11.18 -16.49 19.11
N GLY B 186 -10.32 -16.08 18.17
CA GLY B 186 -9.25 -16.94 17.71
C GLY B 186 -9.68 -17.87 16.59
N GLY B 187 -10.97 -17.98 16.34
CA GLY B 187 -11.49 -18.91 15.36
C GLY B 187 -11.43 -18.40 13.94
N PRO B 188 -11.80 -19.26 12.98
CA PRO B 188 -11.72 -19.05 11.54
C PRO B 188 -12.68 -18.01 10.99
N HIS B 189 -12.15 -17.16 10.14
CA HIS B 189 -12.94 -16.42 9.19
C HIS B 189 -12.37 -16.84 7.85
N VAL B 190 -13.20 -17.43 7.00
CA VAL B 190 -12.70 -17.96 5.75
C VAL B 190 -13.60 -17.45 4.66
N THR B 191 -13.06 -17.30 3.45
CA THR B 191 -13.85 -16.85 2.31
C THR B 191 -13.91 -17.93 1.22
N ARG B 192 -15.12 -18.22 0.75
CA ARG B 192 -15.36 -19.24 -0.25
C ARG B 192 -15.05 -18.65 -1.61
N PHE B 193 -14.25 -19.38 -2.38
CA PHE B 193 -14.08 -19.07 -3.76
C PHE B 193 -14.18 -20.34 -4.52
N LYS B 194 -15.14 -20.42 -5.44
CA LYS B 194 -15.38 -21.66 -6.17
C LYS B 194 -15.25 -22.92 -5.31
N ASP B 195 -16.02 -23.00 -4.24
CA ASP B 195 -16.09 -24.23 -3.46
C ASP B 195 -14.81 -24.55 -2.71
N THR B 196 -13.86 -23.61 -2.70
CA THR B 196 -12.68 -23.75 -1.85
C THR B 196 -12.64 -22.65 -0.82
N TYR B 197 -12.24 -22.99 0.41
CA TYR B 197 -12.35 -22.07 1.54
C TYR B 197 -10.98 -21.61 2.00
N PHE B 198 -10.79 -20.29 2.00
CA PHE B 198 -9.48 -19.68 2.23
C PHE B 198 -9.49 -18.89 3.53
N VAL B 199 -8.45 -19.05 4.33
N VAL B 199 -8.43 -19.05 4.31
CA VAL B 199 -8.35 -18.34 5.58
CA VAL B 199 -8.28 -18.29 5.55
C VAL B 199 -8.17 -16.85 5.28
C VAL B 199 -8.18 -16.81 5.22
N THR B 200 -9.11 -16.04 5.73
CA THR B 200 -9.09 -14.61 5.49
C THR B 200 -8.99 -13.76 6.77
N GLY B 201 -9.39 -14.35 7.89
CA GLY B 201 -9.31 -13.65 9.14
C GLY B 201 -9.24 -14.55 10.34
N ILE B 202 -8.88 -13.95 11.46
CA ILE B 202 -9.05 -14.54 12.76
C ILE B 202 -10.05 -13.67 13.52
N VAL B 203 -11.03 -14.33 14.11
CA VAL B 203 -12.01 -13.69 14.95
C VAL B 203 -11.24 -13.01 16.07
N SER B 204 -11.37 -11.71 16.20
CA SER B 204 -10.46 -10.97 17.08
C SER B 204 -11.17 -10.38 18.30
N TRP B 205 -12.07 -9.44 18.04
CA TRP B 205 -12.74 -8.75 19.13
C TRP B 205 -13.99 -8.03 18.67
N GLY B 206 -14.81 -7.68 19.66
CA GLY B 206 -16.03 -6.91 19.44
C GLY B 206 -16.36 -6.18 20.72
N GLU B 207 -17.00 -5.02 20.58
CA GLU B 207 -17.62 -4.36 21.74
C GLU B 207 -18.97 -5.02 22.00
N GLY B 208 -18.97 -6.07 22.82
CA GLY B 208 -20.17 -6.92 22.97
C GLY B 208 -20.32 -7.87 21.79
N CYS B 209 -21.56 -8.25 21.48
CA CYS B 209 -21.87 -9.12 20.36
C CYS B 209 -23.19 -8.70 19.76
N ALA B 210 -23.17 -8.53 18.44
CA ALA B 210 -24.36 -8.23 17.66
C ALA B 210 -25.04 -6.93 18.04
N ARG B 211 -24.32 -6.03 18.71
CA ARG B 211 -24.89 -4.73 19.07
C ARG B 211 -25.22 -3.91 17.81
N LYS B 212 -26.20 -3.01 17.93
CA LYS B 212 -26.52 -2.09 16.84
C LYS B 212 -25.41 -1.07 16.65
N GLY B 213 -24.95 -0.92 15.42
CA GLY B 213 -23.91 0.06 15.14
C GLY B 213 -22.50 -0.31 15.54
N LYS B 214 -22.29 -1.58 15.92
CA LYS B 214 -20.95 -2.14 16.09
C LYS B 214 -20.83 -3.37 15.19
N TYR B 215 -19.61 -3.67 14.71
CA TYR B 215 -19.37 -4.82 13.83
C TYR B 215 -18.40 -5.78 14.50
N GLY B 216 -18.21 -6.96 13.91
CA GLY B 216 -17.18 -7.92 14.33
C GLY B 216 -15.78 -7.55 13.84
N ILE B 217 -14.81 -7.55 14.74
CA ILE B 217 -13.44 -7.17 14.32
C ILE B 217 -12.55 -8.42 14.17
N TYR B 218 -11.86 -8.50 13.03
CA TYR B 218 -11.03 -9.65 12.70
C TYR B 218 -9.60 -9.24 12.38
N THR B 219 -8.64 -10.10 12.70
CA THR B 219 -7.27 -9.91 12.24
C THR B 219 -7.17 -10.18 10.74
N LYS B 220 -6.62 -9.21 10.01
CA LYS B 220 -6.57 -9.27 8.56
C LYS B 220 -5.41 -10.17 8.19
N VAL B 221 -5.72 -11.39 7.82
CA VAL B 221 -4.70 -12.40 7.67
C VAL B 221 -3.75 -12.11 6.50
N THR B 222 -4.20 -11.30 5.54
CA THR B 222 -3.37 -10.93 4.38
C THR B 222 -2.15 -10.15 4.76
N ALA B 223 -2.24 -9.39 5.85
CA ALA B 223 -1.05 -8.66 6.29
C ALA B 223 -0.07 -9.61 6.93
N PHE B 224 -0.52 -10.84 7.22
CA PHE B 224 0.29 -11.81 7.99
C PHE B 224 0.61 -13.11 7.28
N LEU B 225 0.37 -13.17 5.97
CA LEU B 225 0.63 -14.40 5.26
C LEU B 225 2.10 -14.85 5.29
N LYS B 226 3.05 -13.93 5.09
CA LYS B 226 4.46 -14.31 5.21
C LYS B 226 4.84 -14.66 6.65
N TRP B 227 4.25 -13.95 7.60
CA TRP B 227 4.58 -14.21 8.98
C TRP B 227 4.08 -15.62 9.30
N ILE B 228 2.97 -16.00 8.66
CA ILE B 228 2.42 -17.33 8.89
C ILE B 228 3.37 -18.39 8.34
N ASP B 229 3.79 -18.23 7.09
CA ASP B 229 4.73 -19.17 6.46
C ASP B 229 5.98 -19.33 7.30
N ARG B 230 6.50 -18.22 7.82
CA ARG B 230 7.74 -18.25 8.59
C ARG B 230 7.55 -18.99 9.92
N SER B 231 6.45 -18.70 10.60
CA SER B 231 6.20 -19.32 11.89
C SER B 231 5.95 -20.81 11.68
N MET B 232 5.55 -21.17 10.46
CA MET B 232 5.28 -22.58 10.14
C MET B 232 6.49 -23.32 9.57
N LYS B 233 7.43 -22.56 9.01
CA LYS B 233 8.60 -23.20 8.42
C LYS B 233 9.82 -23.10 9.31
N ARG C 1 -7.39 -10.55 -24.52
CA ARG C 1 -6.52 -11.19 -23.47
C ARG C 1 -7.38 -11.67 -22.32
N LYS C 2 -7.30 -12.96 -21.98
CA LYS C 2 -7.89 -13.38 -20.71
C LYS C 2 -7.36 -12.45 -19.61
N LEU C 3 -8.15 -12.25 -18.57
CA LEU C 3 -7.80 -11.32 -17.50
C LEU C 3 -8.20 -11.89 -16.15
N CYS C 4 -7.48 -11.51 -15.11
CA CYS C 4 -7.88 -11.99 -13.78
C CYS C 4 -9.17 -11.29 -13.25
N SER C 5 -9.58 -10.19 -13.83
CA SER C 5 -10.76 -9.50 -13.36
C SER C 5 -12.02 -10.02 -14.02
N LEU C 6 -11.85 -10.90 -15.00
CA LEU C 6 -13.00 -11.51 -15.66
C LEU C 6 -12.96 -12.97 -15.36
N ASP C 7 -13.89 -13.43 -14.53
CA ASP C 7 -13.98 -14.85 -14.14
C ASP C 7 -12.66 -15.34 -13.59
N ASN C 8 -11.89 -14.45 -13.01
CA ASN C 8 -10.68 -14.90 -12.37
C ASN C 8 -9.72 -15.54 -13.38
N GLY C 9 -9.84 -15.12 -14.64
CA GLY C 9 -8.93 -15.56 -15.70
C GLY C 9 -9.05 -17.06 -16.04
N ASP C 10 -10.22 -17.61 -15.74
CA ASP C 10 -10.55 -19.03 -15.90
C ASP C 10 -9.87 -19.98 -14.90
N CYS C 11 -9.21 -19.41 -13.89
CA CYS C 11 -8.48 -20.19 -12.89
C CYS C 11 -9.40 -20.63 -11.77
N ASP C 12 -9.22 -21.87 -11.34
CA ASP C 12 -9.95 -22.43 -10.19
C ASP C 12 -9.54 -21.76 -8.87
N GLN C 13 -8.27 -21.42 -8.74
CA GLN C 13 -7.77 -20.82 -7.52
C GLN C 13 -7.02 -19.54 -7.78
N PHE C 14 -5.70 -19.52 -7.61
CA PHE C 14 -5.01 -18.23 -7.78
C PHE C 14 -4.90 -17.77 -9.22
N CYS C 15 -4.99 -16.47 -9.46
CA CYS C 15 -4.79 -15.93 -10.81
C CYS C 15 -3.80 -14.80 -10.69
N HIS C 16 -2.82 -14.74 -11.61
CA HIS C 16 -1.89 -13.61 -11.67
C HIS C 16 -1.62 -13.28 -13.11
N GLU C 17 -1.14 -12.07 -13.36
CA GLU C 17 -0.68 -11.76 -14.68
C GLU C 17 0.83 -11.64 -14.66
N GLU C 18 1.48 -12.43 -15.51
CA GLU C 18 2.94 -12.41 -15.70
C GLU C 18 3.19 -12.10 -17.17
N GLN C 19 4.19 -11.27 -17.46
CA GLN C 19 4.44 -10.88 -18.83
C GLN C 19 3.07 -10.57 -19.44
N ASN C 20 2.23 -9.91 -18.64
CA ASN C 20 0.89 -9.51 -19.09
C ASN C 20 0.15 -10.62 -19.86
N SER C 21 0.11 -11.79 -19.23
CA SER C 21 -0.78 -12.89 -19.59
C SER C 21 -1.28 -13.50 -18.31
N VAL C 22 -2.44 -14.17 -18.36
CA VAL C 22 -2.97 -14.85 -17.20
C VAL C 22 -2.18 -16.12 -16.81
N VAL C 23 -1.77 -16.22 -15.55
CA VAL C 23 -1.21 -17.46 -15.06
C VAL C 23 -2.02 -17.99 -13.86
N CYS C 24 -2.49 -19.25 -13.91
CA CYS C 24 -3.11 -19.84 -12.70
C CYS C 24 -2.13 -20.58 -11.79
N SER C 25 -2.45 -20.64 -10.51
CA SER C 25 -1.70 -21.49 -9.61
C SER C 25 -2.66 -22.09 -8.62
N CYS C 26 -2.16 -22.99 -7.77
CA CYS C 26 -2.99 -23.64 -6.81
C CYS C 26 -2.30 -23.62 -5.47
N ALA C 27 -3.09 -23.77 -4.41
CA ALA C 27 -2.54 -23.89 -3.06
C ALA C 27 -1.78 -25.20 -2.89
N ARG C 28 -0.88 -25.23 -1.88
CA ARG C 28 -0.28 -26.45 -1.40
C ARG C 28 -1.31 -27.56 -1.31
N GLY C 29 -0.92 -28.77 -1.75
CA GLY C 29 -1.83 -29.93 -1.78
C GLY C 29 -2.69 -30.10 -3.03
N TYR C 30 -2.46 -29.24 -4.03
CA TYR C 30 -3.15 -29.34 -5.32
C TYR C 30 -2.11 -29.25 -6.39
N THR C 31 -2.32 -29.89 -7.53
CA THR C 31 -1.43 -29.55 -8.64
C THR C 31 -2.21 -28.98 -9.80
N LEU C 32 -1.64 -27.98 -10.45
CA LEU C 32 -2.31 -27.33 -11.57
C LEU C 32 -2.54 -28.35 -12.68
N ALA C 33 -3.79 -28.44 -13.14
CA ALA C 33 -4.12 -29.32 -14.26
C ALA C 33 -3.32 -29.00 -15.52
N ASP C 34 -3.21 -30.00 -16.39
CA ASP C 34 -2.61 -29.86 -17.72
C ASP C 34 -3.23 -28.72 -18.50
N ASN C 35 -4.50 -28.44 -18.28
CA ASN C 35 -5.14 -27.33 -19.03
C ASN C 35 -4.70 -25.99 -18.49
N GLY C 36 -4.03 -26.03 -17.35
CA GLY C 36 -3.42 -24.85 -16.76
C GLY C 36 -4.41 -23.97 -16.03
N LYS C 37 -5.63 -24.46 -15.89
CA LYS C 37 -6.69 -23.74 -15.20
C LYS C 37 -7.12 -24.44 -13.90
N ALA C 38 -7.50 -25.72 -14.01
CA ALA C 38 -8.05 -26.49 -12.89
C ALA C 38 -7.01 -26.76 -11.80
N CYS C 39 -7.47 -26.98 -10.57
CA CYS C 39 -6.61 -27.41 -9.44
C CYS C 39 -7.01 -28.81 -8.94
N ILE C 40 -6.06 -29.74 -9.01
CA ILE C 40 -6.33 -31.12 -8.70
C ILE C 40 -5.72 -31.51 -7.35
N PRO C 41 -6.56 -32.00 -6.42
CA PRO C 41 -6.10 -32.42 -5.09
C PRO C 41 -5.10 -33.57 -5.17
N THR C 42 -4.01 -33.49 -4.43
CA THR C 42 -3.04 -34.59 -4.40
C THR C 42 -3.48 -35.70 -3.43
N GLY C 43 -4.42 -35.36 -2.57
CA GLY C 43 -4.88 -36.29 -1.57
C GLY C 43 -6.36 -36.20 -1.28
N PRO C 44 -6.80 -37.03 -0.35
CA PRO C 44 -8.18 -37.12 0.13
C PRO C 44 -8.60 -35.91 0.99
N TYR C 45 -7.66 -35.21 1.62
CA TYR C 45 -8.03 -34.07 2.44
C TYR C 45 -7.28 -32.80 2.08
N PRO C 46 -7.56 -32.28 0.88
CA PRO C 46 -6.98 -31.04 0.38
C PRO C 46 -7.51 -29.86 1.18
N CYS C 47 -6.65 -28.90 1.51
CA CYS C 47 -7.10 -27.74 2.28
C CYS C 47 -8.30 -27.10 1.64
N GLY C 48 -9.15 -26.51 2.47
CA GLY C 48 -10.22 -25.68 1.96
C GLY C 48 -11.38 -26.42 1.35
N LYS C 49 -11.42 -27.74 1.49
CA LYS C 49 -12.58 -28.51 1.04
C LYS C 49 -13.36 -29.13 2.19
N GLN C 50 -14.67 -28.96 2.14
CA GLN C 50 -15.56 -29.58 3.09
C GLN C 50 -15.40 -31.08 2.93
N THR C 51 -15.58 -31.85 3.99
CA THR C 51 -15.27 -33.29 3.90
C THR C 51 -16.53 -34.15 3.74
N LEU C 52 -16.48 -35.08 2.81
CA LEU C 52 -17.58 -36.01 2.60
C LEU C 52 -17.02 -37.40 2.91
N GLU C 53 -17.89 -38.34 3.27
CA GLU C 53 -17.43 -39.69 3.53
C GLU C 53 -17.13 -40.39 2.20
N ARG C 54 -17.87 -41.27 1.79
N LYS D 2 26.86 35.16 -28.85
CA LYS D 2 27.77 34.22 -28.14
C LYS D 2 27.23 32.79 -28.30
N LEU D 3 27.52 31.93 -27.34
CA LEU D 3 26.91 30.61 -27.34
C LEU D 3 26.35 30.26 -25.96
N CYS D 4 25.24 29.53 -25.95
CA CYS D 4 24.65 29.10 -24.70
C CYS D 4 25.47 27.96 -24.08
N SER D 5 26.35 27.33 -24.87
CA SER D 5 27.10 26.21 -24.34
C SER D 5 28.39 26.69 -23.67
N LEU D 6 28.54 28.00 -23.58
CA LEU D 6 29.69 28.56 -22.88
C LEU D 6 29.20 29.45 -21.72
N ASP D 7 29.24 28.92 -20.50
CA ASP D 7 28.76 29.66 -19.30
C ASP D 7 27.29 30.14 -19.47
N ASN D 8 26.49 29.34 -20.20
CA ASN D 8 25.08 29.62 -20.37
C ASN D 8 24.84 31.03 -20.94
N GLY D 9 25.70 31.46 -21.86
CA GLY D 9 25.56 32.79 -22.49
C GLY D 9 25.60 33.88 -21.44
N ASP D 10 26.04 33.49 -20.26
CA ASP D 10 26.12 34.40 -19.13
C ASP D 10 24.74 34.71 -18.59
N CYS D 11 23.73 33.96 -19.04
CA CYS D 11 22.38 34.13 -18.50
C CYS D 11 22.24 33.47 -17.11
N ASP D 12 21.37 34.03 -16.26
CA ASP D 12 21.07 33.48 -14.93
C ASP D 12 20.15 32.25 -15.06
N GLN D 13 19.30 32.30 -16.10
CA GLN D 13 18.30 31.26 -16.36
C GLN D 13 18.33 30.79 -17.80
N PHE D 14 17.24 30.99 -18.53
CA PHE D 14 17.17 30.42 -19.86
C PHE D 14 18.12 31.10 -20.88
N CYS D 15 18.70 30.30 -21.77
CA CYS D 15 19.52 30.88 -22.82
C CYS D 15 19.07 30.38 -24.16
N HIS D 16 18.99 31.26 -25.16
CA HIS D 16 18.79 30.81 -26.53
C HIS D 16 19.63 31.62 -27.51
N GLU D 17 20.15 30.92 -28.50
CA GLU D 17 20.92 31.53 -29.58
C GLU D 17 19.98 32.04 -30.66
N GLU D 18 20.18 33.29 -31.07
CA GLU D 18 19.21 34.01 -31.89
C GLU D 18 19.93 34.99 -32.78
N GLN D 19 20.26 34.60 -34.00
CA GLN D 19 20.93 35.49 -34.94
C GLN D 19 22.40 35.70 -34.55
N ASN D 20 23.12 34.61 -34.31
CA ASN D 20 24.54 34.74 -34.00
C ASN D 20 24.78 35.41 -32.65
N SER D 21 23.75 35.47 -31.82
CA SER D 21 23.90 36.07 -30.51
C SER D 21 23.01 35.39 -29.48
N VAL D 22 23.28 35.68 -28.22
CA VAL D 22 22.58 35.06 -27.13
C VAL D 22 21.43 35.93 -26.64
N VAL D 23 20.28 35.30 -26.37
CA VAL D 23 19.14 35.98 -25.77
C VAL D 23 18.75 35.24 -24.48
N CYS D 24 18.81 35.94 -23.34
CA CYS D 24 18.49 35.32 -22.06
C CYS D 24 17.01 35.49 -21.75
N SER D 25 16.47 34.61 -20.91
CA SER D 25 15.14 34.88 -20.43
C SER D 25 14.97 34.24 -19.05
N CYS D 26 13.82 34.47 -18.45
CA CYS D 26 13.57 34.09 -17.09
C CYS D 26 12.23 33.39 -17.00
N ALA D 27 12.10 32.62 -15.94
CA ALA D 27 10.84 31.95 -15.64
C ALA D 27 9.84 32.99 -15.19
N ARG D 28 8.57 32.60 -15.14
CA ARG D 28 7.52 33.48 -14.62
C ARG D 28 7.78 33.81 -13.13
N GLY D 29 7.55 35.06 -12.78
CA GLY D 29 7.84 35.56 -11.44
C GLY D 29 9.20 36.23 -11.38
N TYR D 30 9.89 36.24 -12.49
CA TYR D 30 11.14 36.97 -12.60
C TYR D 30 11.07 37.89 -13.79
N THR D 31 11.75 39.02 -13.75
N THR D 31 11.81 38.98 -13.75
CA THR D 31 11.84 39.86 -14.94
CA THR D 31 11.88 39.90 -14.89
C THR D 31 13.33 40.05 -15.32
C THR D 31 13.36 39.95 -15.31
N LEU D 32 13.62 39.98 -16.62
CA LEU D 32 15.00 40.04 -17.09
C LEU D 32 15.64 41.37 -16.75
N ALA D 33 16.83 41.36 -16.15
CA ALA D 33 17.50 42.59 -15.77
C ALA D 33 17.75 43.43 -16.99
N ASP D 34 18.03 44.70 -16.77
CA ASP D 34 18.39 45.63 -17.82
C ASP D 34 19.66 45.18 -18.55
N ASN D 35 20.52 44.44 -17.84
CA ASN D 35 21.75 43.99 -18.47
C ASN D 35 21.50 42.81 -19.43
N GLY D 36 20.30 42.24 -19.40
CA GLY D 36 19.92 41.26 -20.39
C GLY D 36 20.42 39.90 -20.00
N LYS D 37 20.97 39.80 -18.79
CA LYS D 37 21.47 38.54 -18.25
C LYS D 37 20.74 38.09 -16.99
N ALA D 38 20.55 39.01 -16.05
CA ALA D 38 20.11 38.59 -14.73
C ALA D 38 18.58 38.49 -14.59
N CYS D 39 18.13 37.57 -13.74
CA CYS D 39 16.71 37.40 -13.43
C CYS D 39 16.36 37.94 -12.04
N ILE D 40 15.45 38.89 -12.03
CA ILE D 40 15.12 39.63 -10.83
C ILE D 40 13.73 39.23 -10.42
N PRO D 41 13.59 38.71 -9.20
CA PRO D 41 12.31 38.18 -8.77
C PRO D 41 11.33 39.34 -8.56
N THR D 42 10.04 39.14 -8.89
CA THR D 42 9.05 40.19 -8.68
C THR D 42 8.29 40.11 -7.34
N GLY D 43 8.59 39.09 -6.54
CA GLY D 43 7.95 38.96 -5.24
C GLY D 43 8.80 38.15 -4.30
N PRO D 44 8.31 37.91 -3.08
CA PRO D 44 9.05 37.29 -1.99
C PRO D 44 9.26 35.78 -2.15
N TYR D 45 8.37 35.09 -2.88
CA TYR D 45 8.55 33.65 -3.05
C TYR D 45 8.62 33.21 -4.52
N PRO D 46 9.64 33.70 -5.24
CA PRO D 46 9.80 33.34 -6.65
C PRO D 46 10.06 31.83 -6.80
N CYS D 47 9.63 31.25 -7.90
CA CYS D 47 9.70 29.79 -8.01
C CYS D 47 11.14 29.31 -7.94
N GLY D 48 11.36 28.08 -7.48
CA GLY D 48 12.70 27.51 -7.54
C GLY D 48 13.69 28.10 -6.54
N LYS D 49 13.29 29.10 -5.76
CA LYS D 49 14.19 29.60 -4.68
C LYS D 49 13.84 29.01 -3.32
N GLN D 50 14.85 28.46 -2.66
CA GLN D 50 14.64 27.95 -1.31
C GLN D 50 14.23 29.09 -0.37
N THR D 51 13.44 28.77 0.64
CA THR D 51 12.94 29.79 1.54
C THR D 51 13.86 29.80 2.78
N LEU D 52 15.06 30.39 2.61
CA LEU D 52 16.12 30.44 3.62
C LEU D 52 16.03 31.67 4.51
N GLU D 53 15.74 32.82 3.90
CA GLU D 53 15.57 34.05 4.67
C GLU D 53 14.34 33.94 5.58
#